data_8JPA
#
_entry.id   8JPA
#
_cell.length_a   60.697
_cell.length_b   60.697
_cell.length_c   102.972
_cell.angle_alpha   90.000
_cell.angle_beta   90.000
_cell.angle_gamma   90.000
#
_symmetry.space_group_name_H-M   'P 43'
#
loop_
_entity.id
_entity.type
_entity.pdbx_description
1 polymer 'De novo design cavitated protein'
2 water water
#
_entity_poly.entity_id   1
_entity_poly.type   'polypeptide(L)'
_entity_poly.pdbx_seq_one_letter_code
;(MSE)GSSHHHHHHSSGLVPRGSH(MSE)AS(MSE)TGGQQ(MSE)GRGSEDVIKQALKRVQQYIQQAPNGYRDVIQQIL
QTVLKILKL(MSE)G(MSE)PEVEAVLIVAYVAE(MSE)LVLAAKYGYIDELLKLAKEALEADDVDK(MSE)IEIFLK
(MSE)LKI(MSE)FLALALDPEGLKKLKELKKNGSEEVRKLIEEVIKQLKQQRQQQALEHHHHHH
;
_entity_poly.pdbx_strand_id   A,B
#
# COMPACT_ATOMS: atom_id res chain seq x y z
N GLY A 31 -0.51 19.60 -8.79
CA GLY A 31 -1.13 18.52 -9.53
C GLY A 31 -2.48 18.92 -10.10
N ARG A 32 -3.34 17.92 -10.32
CA ARG A 32 -4.66 18.13 -10.88
C ARG A 32 -5.73 17.79 -9.84
N GLY A 33 -6.96 17.55 -10.31
CA GLY A 33 -8.06 17.30 -9.40
C GLY A 33 -8.22 15.83 -9.04
N SER A 34 -9.14 15.59 -8.11
CA SER A 34 -9.43 14.22 -7.70
C SER A 34 -10.00 13.40 -8.85
N GLU A 35 -10.78 14.03 -9.72
CA GLU A 35 -11.32 13.32 -10.88
C GLU A 35 -10.21 12.92 -11.84
N ASP A 36 -9.16 13.73 -11.96
CA ASP A 36 -8.05 13.40 -12.85
C ASP A 36 -7.26 12.20 -12.33
N VAL A 37 -7.10 12.11 -11.01
CA VAL A 37 -6.41 10.97 -10.43
C VAL A 37 -7.23 9.70 -10.61
N ILE A 38 -8.53 9.79 -10.34
CA ILE A 38 -9.39 8.62 -10.46
C ILE A 38 -9.50 8.17 -11.91
N LYS A 39 -9.60 9.12 -12.84
CA LYS A 39 -9.69 8.78 -14.25
C LYS A 39 -8.44 8.04 -14.72
N GLN A 40 -7.27 8.60 -14.42
CA GLN A 40 -6.02 7.97 -14.84
C GLN A 40 -5.87 6.58 -14.22
N ALA A 41 -6.20 6.45 -12.93
CA ALA A 41 -6.02 5.16 -12.26
C ALA A 41 -7.04 4.14 -12.75
N LEU A 42 -8.30 4.56 -12.96
CA LEU A 42 -9.31 3.63 -13.44
C LEU A 42 -9.08 3.26 -14.91
N LYS A 43 -8.52 4.17 -15.69
CA LYS A 43 -8.10 3.81 -17.05
C LYS A 43 -6.97 2.79 -17.01
N ARG A 44 -6.07 2.91 -16.03
CA ARG A 44 -5.02 1.92 -15.86
C ARG A 44 -5.61 0.57 -15.47
N VAL A 45 -6.60 0.57 -14.58
CA VAL A 45 -7.23 -0.68 -14.16
C VAL A 45 -7.96 -1.32 -15.35
N GLN A 46 -8.69 -0.52 -16.12
CA GLN A 46 -9.42 -1.05 -17.27
C GLN A 46 -8.46 -1.66 -18.28
N GLN A 47 -7.28 -1.07 -18.45
CA GLN A 47 -6.27 -1.67 -19.31
C GLN A 47 -5.82 -3.02 -18.77
N TYR A 48 -5.72 -3.15 -17.45
CA TYR A 48 -5.34 -4.43 -16.86
C TYR A 48 -6.43 -5.48 -17.09
N ILE A 49 -7.69 -5.07 -17.13
CA ILE A 49 -8.77 -6.01 -17.37
C ILE A 49 -8.84 -6.39 -18.85
N GLN A 50 -8.54 -5.46 -19.75
CA GLN A 50 -8.51 -5.77 -21.18
C GLN A 50 -7.40 -6.75 -21.52
N GLN A 51 -6.36 -6.85 -20.69
CA GLN A 51 -5.25 -7.76 -20.92
C GLN A 51 -5.49 -9.16 -20.36
N ALA A 52 -6.70 -9.43 -19.85
CA ALA A 52 -7.05 -10.75 -19.35
C ALA A 52 -7.78 -11.53 -20.44
N PRO A 53 -7.65 -12.85 -20.43
CA PRO A 53 -8.38 -13.67 -21.43
C PRO A 53 -9.87 -13.40 -21.37
N ASN A 54 -10.48 -13.24 -22.55
CA ASN A 54 -11.91 -13.01 -22.61
C ASN A 54 -12.67 -14.22 -22.07
N GLY A 55 -13.70 -13.95 -21.27
CA GLY A 55 -14.38 -14.95 -20.47
C GLY A 55 -14.16 -14.75 -18.98
N TYR A 56 -13.00 -14.23 -18.60
CA TYR A 56 -12.75 -13.79 -17.23
C TYR A 56 -13.13 -12.34 -17.00
N ARG A 57 -13.14 -11.53 -18.07
CA ARG A 57 -13.33 -10.09 -17.92
C ARG A 57 -14.67 -9.74 -17.28
N ASP A 58 -15.68 -10.58 -17.49
CA ASP A 58 -17.00 -10.30 -16.92
C ASP A 58 -16.98 -10.39 -15.40
N VAL A 59 -16.53 -11.54 -14.86
CA VAL A 59 -16.47 -11.69 -13.41
C VAL A 59 -15.41 -10.76 -12.82
N ILE A 60 -14.34 -10.50 -13.57
CA ILE A 60 -13.33 -9.55 -13.10
C ILE A 60 -13.92 -8.14 -13.00
N GLN A 61 -14.77 -7.78 -13.96
CA GLN A 61 -15.46 -6.50 -13.89
C GLN A 61 -16.36 -6.43 -12.66
N GLN A 62 -16.99 -7.55 -12.31
CA GLN A 62 -17.86 -7.59 -11.14
C GLN A 62 -17.04 -7.49 -9.85
N ILE A 63 -15.86 -8.12 -9.83
CA ILE A 63 -15.02 -8.06 -8.64
C ILE A 63 -14.53 -6.63 -8.39
N LEU A 64 -14.15 -5.92 -9.47
CA LEU A 64 -13.74 -4.53 -9.32
C LEU A 64 -14.87 -3.67 -8.79
N GLN A 65 -16.11 -3.97 -9.19
CA GLN A 65 -17.25 -3.16 -8.77
C GLN A 65 -17.53 -3.31 -7.29
N THR A 66 -17.57 -4.55 -6.79
CA THR A 66 -17.91 -4.76 -5.39
C THR A 66 -16.78 -4.33 -4.47
N VAL A 67 -15.52 -4.54 -4.88
CA VAL A 67 -14.39 -4.12 -4.07
C VAL A 67 -14.38 -2.61 -3.91
N LEU A 68 -14.62 -1.88 -5.01
CA LEU A 68 -14.74 -0.43 -4.91
C LEU A 68 -15.93 -0.05 -4.04
N LYS A 69 -17.05 -0.76 -4.18
CA LYS A 69 -18.19 -0.51 -3.30
C LYS A 69 -17.82 -0.76 -1.85
N ILE A 70 -17.19 -1.91 -1.57
CA ILE A 70 -16.81 -2.23 -0.19
C ILE A 70 -15.89 -1.17 0.39
N LEU A 71 -14.86 -0.77 -0.37
CA LEU A 71 -13.94 0.24 0.11
C LEU A 71 -14.63 1.59 0.32
N LYS A 72 -15.69 1.86 -0.44
CA LYS A 72 -16.43 3.10 -0.25
C LYS A 72 -17.19 3.08 1.07
N LEU A 73 -17.81 1.95 1.41
CA LEU A 73 -18.49 1.82 2.69
C LEU A 73 -17.53 1.80 3.88
N GLY A 75 -15.71 4.21 4.56
CA GLY A 75 -15.46 5.61 4.81
C GLY A 75 -14.15 6.11 4.25
N PRO A 77 -11.58 7.64 1.67
CA PRO A 77 -11.72 8.56 0.53
C PRO A 77 -11.57 7.83 -0.79
N GLU A 78 -12.35 8.26 -1.78
CA GLU A 78 -12.39 7.54 -3.05
C GLU A 78 -11.05 7.57 -3.77
N VAL A 79 -10.30 8.66 -3.63
CA VAL A 79 -8.98 8.73 -4.26
C VAL A 79 -8.04 7.70 -3.65
N GLU A 80 -8.10 7.53 -2.33
CA GLU A 80 -7.26 6.53 -1.66
C GLU A 80 -7.67 5.12 -2.06
N ALA A 81 -8.97 4.85 -2.13
CA ALA A 81 -9.44 3.51 -2.46
C ALA A 81 -9.12 3.15 -3.91
N VAL A 82 -9.26 4.11 -4.83
CA VAL A 82 -8.98 3.84 -6.23
C VAL A 82 -7.50 3.61 -6.45
N LEU A 83 -6.64 4.36 -5.76
CA LEU A 83 -5.20 4.16 -5.90
C LEU A 83 -4.78 2.82 -5.30
N ILE A 84 -5.40 2.42 -4.18
CA ILE A 84 -5.13 1.10 -3.62
C ILE A 84 -5.56 0.01 -4.58
N VAL A 85 -6.73 0.18 -5.20
CA VAL A 85 -7.21 -0.79 -6.18
C VAL A 85 -6.28 -0.84 -7.39
N ALA A 86 -5.86 0.33 -7.88
CA ALA A 86 -5.03 0.37 -9.09
C ALA A 86 -3.65 -0.22 -8.83
N TYR A 87 -3.07 0.06 -7.66
CA TYR A 87 -1.73 -0.46 -7.36
C TYR A 87 -1.76 -1.96 -7.13
N VAL A 88 -2.79 -2.46 -6.44
CA VAL A 88 -2.92 -3.90 -6.24
C VAL A 88 -3.19 -4.60 -7.57
N ALA A 89 -4.03 -3.99 -8.42
CA ALA A 89 -4.32 -4.59 -9.72
C ALA A 89 -3.08 -4.65 -10.59
N GLU A 90 -2.23 -3.63 -10.52
CA GLU A 90 -0.99 -3.65 -11.29
C GLU A 90 -0.07 -4.76 -10.81
N LEU A 92 -1.08 -7.47 -9.28
CA LEU A 92 -1.72 -8.72 -9.63
C LEU A 92 -1.44 -9.12 -11.07
N VAL A 93 -1.31 -8.14 -11.96
CA VAL A 93 -0.98 -8.43 -13.36
C VAL A 93 0.46 -8.90 -13.47
N LEU A 94 1.38 -8.22 -12.77
CA LEU A 94 2.78 -8.61 -12.82
C LEU A 94 2.99 -10.00 -12.21
N ALA A 95 2.35 -10.28 -11.08
CA ALA A 95 2.47 -11.59 -10.45
C ALA A 95 1.81 -12.67 -11.30
N ALA A 96 0.75 -12.32 -12.04
CA ALA A 96 0.10 -13.31 -12.90
C ALA A 96 0.99 -13.71 -14.06
N LYS A 97 1.84 -12.79 -14.55
CA LYS A 97 2.74 -13.10 -15.65
C LYS A 97 3.80 -14.12 -15.24
N TYR A 98 4.09 -14.25 -13.96
CA TYR A 98 5.05 -15.23 -13.46
C TYR A 98 4.39 -16.44 -12.82
N GLY A 99 3.08 -16.61 -13.03
CA GLY A 99 2.38 -17.81 -12.62
C GLY A 99 1.78 -17.80 -11.23
N TYR A 100 1.85 -16.68 -10.52
CA TYR A 100 1.39 -16.63 -9.13
C TYR A 100 -0.08 -16.31 -8.99
N ILE A 101 -0.82 -16.20 -10.10
CA ILE A 101 -2.23 -15.83 -10.00
C ILE A 101 -3.05 -16.96 -9.39
N ASP A 102 -2.61 -18.21 -9.53
CA ASP A 102 -3.33 -19.32 -8.91
C ASP A 102 -3.19 -19.29 -7.39
N GLU A 103 -1.97 -19.05 -6.90
CA GLU A 103 -1.76 -19.00 -5.45
C GLU A 103 -2.44 -17.79 -4.84
N LEU A 104 -2.41 -16.64 -5.52
CA LEU A 104 -3.02 -15.43 -4.97
C LEU A 104 -4.53 -15.58 -4.86
N LEU A 105 -5.16 -16.18 -5.88
CA LEU A 105 -6.60 -16.40 -5.82
C LEU A 105 -6.98 -17.37 -4.71
N LYS A 106 -6.13 -18.37 -4.45
CA LYS A 106 -6.41 -19.31 -3.38
C LYS A 106 -6.35 -18.62 -2.02
N LEU A 107 -5.35 -17.77 -1.80
CA LEU A 107 -5.27 -17.04 -0.53
C LEU A 107 -6.38 -16.02 -0.39
N ALA A 108 -6.81 -15.42 -1.51
CA ALA A 108 -7.92 -14.47 -1.45
C ALA A 108 -9.19 -15.16 -0.96
N LYS A 109 -9.40 -16.42 -1.37
CA LYS A 109 -10.54 -17.18 -0.87
C LYS A 109 -10.41 -17.46 0.62
N GLU A 110 -9.21 -17.84 1.07
CA GLU A 110 -9.00 -18.15 2.48
C GLU A 110 -9.09 -16.90 3.35
N ALA A 111 -8.63 -15.75 2.84
CA ALA A 111 -8.69 -14.53 3.63
C ALA A 111 -10.12 -14.12 3.91
N LEU A 112 -11.01 -14.24 2.92
CA LEU A 112 -12.38 -13.81 3.10
C LEU A 112 -13.22 -14.83 3.85
N GLU A 113 -12.84 -16.11 3.81
CA GLU A 113 -13.54 -17.16 4.52
C GLU A 113 -12.91 -17.47 5.88
N ALA A 114 -11.89 -16.71 6.28
CA ALA A 114 -11.19 -16.94 7.53
C ALA A 114 -12.15 -16.80 8.73
N ASP A 115 -11.64 -17.10 9.91
CA ASP A 115 -12.47 -17.12 11.10
C ASP A 115 -12.72 -15.71 11.63
N ASP A 116 -11.66 -14.99 12.00
CA ASP A 116 -11.77 -13.67 12.59
C ASP A 116 -11.06 -12.64 11.71
N VAL A 117 -10.99 -11.41 12.21
CA VAL A 117 -10.34 -10.32 11.47
C VAL A 117 -8.84 -10.52 11.45
N ASP A 118 -8.26 -10.91 12.59
CA ASP A 118 -6.80 -11.03 12.69
C ASP A 118 -6.25 -12.07 11.73
N LYS A 119 -7.03 -13.10 11.41
CA LYS A 119 -6.58 -14.10 10.45
C LYS A 119 -6.65 -13.57 9.01
N ILE A 121 -6.00 -10.38 7.93
CA ILE A 121 -4.82 -9.57 7.65
C ILE A 121 -3.59 -10.46 7.48
N GLU A 122 -3.49 -11.53 8.28
CA GLU A 122 -2.36 -12.44 8.16
C GLU A 122 -2.25 -13.00 6.74
N ILE A 123 -3.37 -13.42 6.16
CA ILE A 123 -3.35 -13.89 4.78
C ILE A 123 -3.22 -12.72 3.81
N PHE A 124 -3.81 -11.57 4.16
CA PHE A 124 -3.63 -10.36 3.35
C PHE A 124 -2.15 -10.02 3.22
N LEU A 125 -1.42 -10.02 4.34
CA LEU A 125 0.01 -9.78 4.29
C LEU A 125 0.74 -10.88 3.52
N LYS A 126 0.18 -12.09 3.50
CA LYS A 126 0.80 -13.18 2.75
C LYS A 126 0.69 -12.93 1.24
N LEU A 128 0.35 -9.97 -0.13
CA LEU A 128 1.21 -8.82 -0.39
C LEU A 128 2.68 -9.23 -0.51
N LYS A 129 3.09 -10.25 0.25
CA LYS A 129 4.47 -10.73 0.15
C LYS A 129 4.75 -11.32 -1.23
N ILE A 130 3.83 -12.15 -1.72
CA ILE A 130 4.02 -12.79 -3.02
C ILE A 130 4.08 -11.75 -4.13
N PHE A 132 5.01 -8.65 -3.79
CA PHE A 132 6.24 -7.90 -3.63
C PHE A 132 7.45 -8.69 -4.14
N LEU A 133 7.46 -10.00 -3.89
CA LEU A 133 8.57 -10.83 -4.37
C LEU A 133 8.50 -11.03 -5.87
N ALA A 134 7.29 -11.06 -6.45
CA ALA A 134 7.17 -11.07 -7.89
C ALA A 134 7.71 -9.78 -8.50
N LEU A 135 7.56 -8.67 -7.79
CA LEU A 135 8.19 -7.42 -8.21
C LEU A 135 9.71 -7.53 -8.19
N ALA A 136 10.26 -8.33 -7.27
CA ALA A 136 11.69 -8.56 -7.23
C ALA A 136 12.13 -9.56 -8.29
N LEU A 137 11.24 -10.49 -8.67
CA LEU A 137 11.57 -11.43 -9.74
C LEU A 137 11.49 -10.78 -11.12
N ASP A 138 10.73 -9.72 -11.26
CA ASP A 138 10.65 -9.02 -12.54
C ASP A 138 11.96 -8.27 -12.78
N PRO A 139 12.64 -8.51 -13.91
CA PRO A 139 13.92 -7.83 -14.16
C PRO A 139 13.83 -6.31 -14.10
N GLU A 140 12.71 -5.73 -14.55
CA GLU A 140 12.54 -4.28 -14.44
C GLU A 140 12.14 -3.87 -13.04
N GLY A 141 11.36 -4.70 -12.34
CA GLY A 141 11.02 -4.40 -10.96
C GLY A 141 12.22 -4.47 -10.03
N LEU A 142 13.07 -5.49 -10.22
CA LEU A 142 14.31 -5.56 -9.45
C LEU A 142 15.26 -4.44 -9.81
N LYS A 143 15.22 -3.96 -11.05
CA LYS A 143 16.03 -2.82 -11.45
C LYS A 143 15.67 -1.58 -10.63
N LYS A 144 14.37 -1.30 -10.52
CA LYS A 144 13.92 -0.13 -9.76
C LYS A 144 14.00 -0.36 -8.26
N LEU A 145 13.84 -1.61 -7.81
CA LEU A 145 13.99 -1.91 -6.39
C LEU A 145 15.42 -1.72 -5.92
N LYS A 146 16.39 -1.82 -6.82
CA LYS A 146 17.78 -1.56 -6.44
C LYS A 146 18.07 -0.07 -6.36
N GLU A 147 17.46 0.73 -7.25
CA GLU A 147 17.59 2.18 -7.14
C GLU A 147 16.89 2.69 -5.88
N LEU A 148 15.75 2.09 -5.51
CA LEU A 148 15.13 2.39 -4.22
C LEU A 148 16.08 2.11 -3.07
N LYS A 149 16.93 1.10 -3.19
CA LYS A 149 17.87 0.79 -2.13
C LYS A 149 19.05 1.77 -2.12
N LYS A 150 19.60 2.07 -3.30
CA LYS A 150 20.74 2.99 -3.37
C LYS A 150 20.32 4.41 -3.00
N ASN A 151 19.23 4.90 -3.58
CA ASN A 151 18.79 6.27 -3.32
C ASN A 151 18.44 6.49 -1.86
N GLY A 152 18.17 5.43 -1.10
CA GLY A 152 17.90 5.57 0.32
C GLY A 152 19.11 5.90 1.17
N SER A 153 20.29 6.04 0.56
CA SER A 153 21.50 6.34 1.33
C SER A 153 21.36 7.65 2.09
N GLU A 154 20.87 8.70 1.41
CA GLU A 154 20.61 9.96 2.08
C GLU A 154 19.47 9.85 3.09
N GLU A 155 18.65 8.81 2.99
CA GLU A 155 17.52 8.65 3.90
C GLU A 155 17.92 7.99 5.22
N VAL A 156 18.88 7.07 5.18
CA VAL A 156 19.29 6.36 6.40
C VAL A 156 19.84 7.36 7.43
N ARG A 157 20.63 8.32 6.96
CA ARG A 157 21.27 9.27 7.89
C ARG A 157 20.24 10.10 8.63
N LYS A 158 19.19 10.54 7.94
CA LYS A 158 18.17 11.36 8.58
C LYS A 158 17.33 10.53 9.54
N LEU A 159 16.99 9.30 9.17
CA LEU A 159 16.33 8.41 10.11
C LEU A 159 17.23 8.12 11.30
N ILE A 160 18.52 7.89 11.05
CA ILE A 160 19.48 7.73 12.14
C ILE A 160 19.55 9.00 12.97
N GLU A 161 19.56 10.16 12.30
CA GLU A 161 19.70 11.44 13.00
C GLU A 161 18.61 11.63 14.05
N GLU A 162 17.37 11.31 13.70
CA GLU A 162 16.25 11.55 14.60
C GLU A 162 15.92 10.34 15.48
N VAL A 163 16.36 9.14 15.09
CA VAL A 163 16.35 8.02 16.03
C VAL A 163 17.28 8.31 17.20
N ILE A 164 18.43 8.93 16.92
CA ILE A 164 19.34 9.36 17.98
C ILE A 164 18.68 10.45 18.83
N LYS A 165 17.99 11.40 18.19
CA LYS A 165 17.32 12.46 18.93
C LYS A 165 16.19 11.91 19.79
N GLN A 166 15.49 10.88 19.29
CA GLN A 166 14.40 10.29 20.06
C GLN A 166 14.91 9.51 21.26
N LEU A 167 16.13 8.96 21.17
CA LEU A 167 16.69 8.23 22.30
C LEU A 167 16.99 9.16 23.47
N LYS A 168 17.42 10.40 23.18
CA LYS A 168 17.69 11.35 24.25
C LYS A 168 16.42 11.81 24.92
N GLN A 169 15.30 11.84 24.20
CA GLN A 169 14.03 12.28 24.74
C GLN A 169 13.50 11.31 25.80
N SER B 34 -8.21 22.81 -3.27
CA SER B 34 -9.31 21.88 -3.53
C SER B 34 -9.16 21.24 -4.91
N GLU B 35 -9.02 22.09 -5.94
CA GLU B 35 -8.80 21.60 -7.29
C GLU B 35 -7.45 20.92 -7.45
N ASP B 36 -6.54 21.11 -6.50
CA ASP B 36 -5.20 20.52 -6.54
C ASP B 36 -5.06 19.59 -5.34
N VAL B 37 -5.06 18.29 -5.59
CA VAL B 37 -4.88 17.33 -4.52
C VAL B 37 -3.47 17.36 -3.96
N ILE B 38 -2.50 17.81 -4.76
CA ILE B 38 -1.15 18.03 -4.24
C ILE B 38 -1.16 19.11 -3.18
N LYS B 39 -1.91 20.19 -3.42
CA LYS B 39 -2.07 21.22 -2.40
C LYS B 39 -2.78 20.66 -1.17
N GLN B 40 -3.81 19.84 -1.39
CA GLN B 40 -4.55 19.26 -0.26
C GLN B 40 -3.68 18.28 0.53
N ALA B 41 -2.92 17.44 -0.18
CA ALA B 41 -2.11 16.43 0.51
C ALA B 41 -0.95 17.08 1.25
N LEU B 42 -0.25 18.02 0.60
CA LEU B 42 0.87 18.68 1.27
C LEU B 42 0.41 19.55 2.42
N LYS B 43 -0.82 20.08 2.36
CA LYS B 43 -1.38 20.76 3.52
C LYS B 43 -1.65 19.78 4.66
N ARG B 44 -2.10 18.57 4.32
CA ARG B 44 -2.31 17.55 5.34
C ARG B 44 -0.98 17.08 5.93
N VAL B 45 0.03 16.89 5.08
CA VAL B 45 1.32 16.43 5.57
C VAL B 45 1.97 17.50 6.45
N GLN B 46 1.88 18.77 6.04
CA GLN B 46 2.52 19.84 6.80
C GLN B 46 1.88 19.99 8.17
N GLN B 47 0.56 19.80 8.28
CA GLN B 47 -0.08 19.91 9.59
C GLN B 47 0.35 18.80 10.53
N TYR B 48 0.73 17.64 9.99
CA TYR B 48 1.32 16.60 10.82
C TYR B 48 2.70 17.01 11.31
N ILE B 49 3.49 17.62 10.44
CA ILE B 49 4.86 18.01 10.80
C ILE B 49 4.85 19.18 11.76
N GLN B 50 3.96 20.15 11.54
CA GLN B 50 3.91 21.32 12.42
C GLN B 50 3.46 20.96 13.83
N GLN B 51 2.63 19.93 13.97
CA GLN B 51 2.16 19.49 15.28
C GLN B 51 3.12 18.53 15.97
N ALA B 52 4.13 18.04 15.26
CA ALA B 52 5.13 17.19 15.88
C ALA B 52 6.00 18.02 16.83
N PRO B 53 6.72 17.36 17.74
CA PRO B 53 7.66 18.09 18.60
C PRO B 53 8.64 18.91 17.77
N ASN B 54 8.84 20.16 18.19
CA ASN B 54 9.64 21.11 17.39
C ASN B 54 11.07 20.63 17.20
N GLY B 55 11.59 19.77 18.08
CA GLY B 55 12.93 19.25 17.90
C GLY B 55 13.11 18.42 16.65
N TYR B 56 12.04 17.85 16.11
CA TYR B 56 12.10 17.02 14.92
C TYR B 56 11.58 17.74 13.67
N ARG B 57 11.16 19.00 13.79
CA ARG B 57 10.47 19.65 12.69
C ARG B 57 11.32 19.68 11.42
N ASP B 58 12.55 20.20 11.52
CA ASP B 58 13.36 20.36 10.33
C ASP B 58 13.82 19.02 9.76
N VAL B 59 14.09 18.04 10.63
CA VAL B 59 14.57 16.76 10.12
C VAL B 59 13.46 15.99 9.41
N ILE B 60 12.21 16.16 9.86
CA ILE B 60 11.09 15.54 9.15
C ILE B 60 10.88 16.20 7.80
N GLN B 61 11.00 17.53 7.74
CA GLN B 61 10.86 18.23 6.48
C GLN B 61 11.88 17.73 5.45
N GLN B 62 13.12 17.52 5.88
CA GLN B 62 14.13 16.99 4.97
C GLN B 62 13.79 15.58 4.52
N ILE B 63 13.29 14.75 5.43
CA ILE B 63 12.87 13.39 5.06
C ILE B 63 11.75 13.44 4.04
N LEU B 64 10.84 14.41 4.19
CA LEU B 64 9.73 14.54 3.25
C LEU B 64 10.23 14.88 1.84
N GLN B 65 11.17 15.83 1.73
CA GLN B 65 11.63 16.26 0.42
C GLN B 65 12.44 15.18 -0.28
N THR B 66 13.26 14.42 0.46
CA THR B 66 14.05 13.39 -0.17
C THR B 66 13.24 12.16 -0.52
N VAL B 67 12.21 11.84 0.27
CA VAL B 67 11.33 10.73 -0.07
C VAL B 67 10.54 11.05 -1.34
N LEU B 68 10.08 12.30 -1.48
CA LEU B 68 9.40 12.69 -2.72
C LEU B 68 10.36 12.64 -3.91
N LYS B 69 11.64 12.96 -3.68
CA LYS B 69 12.63 12.83 -4.75
C LYS B 69 12.83 11.38 -5.15
N ILE B 70 12.74 10.46 -4.19
CA ILE B 70 12.97 9.05 -4.48
C ILE B 70 11.78 8.46 -5.22
N LEU B 71 10.56 8.82 -4.80
CA LEU B 71 9.37 8.25 -5.44
C LEU B 71 9.26 8.68 -6.89
N LYS B 72 9.62 9.92 -7.19
CA LYS B 72 9.61 10.38 -8.58
C LYS B 72 10.64 9.62 -9.41
N LEU B 73 11.80 9.32 -8.81
CA LEU B 73 12.81 8.52 -9.50
C LEU B 73 12.34 7.09 -9.74
N GLY B 75 9.71 6.24 -11.13
CA GLY B 75 8.74 6.27 -12.20
C GLY B 75 7.32 6.54 -11.75
N PRO B 77 4.17 8.99 -10.81
CA PRO B 77 3.68 10.35 -11.07
C PRO B 77 3.75 11.20 -9.81
N GLU B 78 4.05 12.49 -10.00
CA GLU B 78 4.22 13.40 -8.86
C GLU B 78 2.93 13.51 -8.06
N VAL B 79 1.78 13.54 -8.73
CA VAL B 79 0.51 13.64 -8.03
C VAL B 79 0.27 12.39 -7.18
N GLU B 80 0.68 11.23 -7.67
CA GLU B 80 0.52 10.00 -6.90
C GLU B 80 1.58 9.85 -5.82
N ALA B 81 2.80 10.33 -6.09
CA ALA B 81 3.86 10.28 -5.08
C ALA B 81 3.51 11.13 -3.87
N VAL B 82 2.95 12.32 -4.10
CA VAL B 82 2.54 13.19 -3.00
C VAL B 82 1.38 12.56 -2.24
N LEU B 83 0.41 12.00 -2.97
CA LEU B 83 -0.71 11.32 -2.31
C LEU B 83 -0.22 10.11 -1.53
N ILE B 84 0.69 9.34 -2.12
CA ILE B 84 1.22 8.16 -1.45
C ILE B 84 2.06 8.52 -0.23
N VAL B 85 2.59 9.76 -0.17
CA VAL B 85 3.29 10.20 1.03
C VAL B 85 2.33 10.69 2.11
N ALA B 86 1.13 11.15 1.73
CA ALA B 86 0.17 11.66 2.71
C ALA B 86 -0.61 10.55 3.40
N TYR B 87 -1.01 9.51 2.65
CA TYR B 87 -1.79 8.43 3.26
C TYR B 87 -0.93 7.59 4.19
N VAL B 88 0.34 7.36 3.81
CA VAL B 88 1.27 6.66 4.69
C VAL B 88 1.55 7.48 5.94
N ALA B 89 1.69 8.80 5.78
CA ALA B 89 1.88 9.67 6.93
C ALA B 89 0.68 9.60 7.88
N GLU B 90 -0.52 9.36 7.35
CA GLU B 90 -1.69 9.15 8.19
C GLU B 90 -1.52 7.91 9.05
N LEU B 92 1.28 6.51 9.84
CA LEU B 92 2.38 6.75 10.76
C LEU B 92 1.91 7.52 11.99
N VAL B 93 0.97 8.45 11.80
CA VAL B 93 0.43 9.21 12.93
C VAL B 93 -0.37 8.29 13.84
N LEU B 94 -1.24 7.45 13.27
CA LEU B 94 -2.03 6.53 14.07
C LEU B 94 -1.16 5.52 14.79
N ALA B 95 -0.17 4.96 14.09
CA ALA B 95 0.73 3.99 14.73
C ALA B 95 1.58 4.64 15.80
N ALA B 96 1.90 5.93 15.65
CA ALA B 96 2.67 6.63 16.68
C ALA B 96 1.85 6.84 17.95
N LYS B 97 0.53 6.90 17.83
CA LYS B 97 -0.32 7.08 19.00
C LYS B 97 -0.30 5.86 19.92
N TYR B 98 0.10 4.70 19.41
CA TYR B 98 0.19 3.48 20.19
C TYR B 98 1.64 3.14 20.55
N GLY B 99 2.55 4.08 20.39
CA GLY B 99 3.94 3.86 20.78
C GLY B 99 4.78 3.10 19.79
N TYR B 100 4.37 3.01 18.53
CA TYR B 100 5.04 2.18 17.55
C TYR B 100 5.96 2.97 16.62
N ILE B 101 6.15 4.27 16.86
CA ILE B 101 7.00 5.05 15.97
C ILE B 101 8.47 4.64 16.13
N ASP B 102 8.87 4.25 17.34
CA ASP B 102 10.26 3.84 17.56
C ASP B 102 10.56 2.57 16.77
N GLU B 103 9.64 1.61 16.76
CA GLU B 103 9.85 0.38 16.02
C GLU B 103 9.84 0.61 14.52
N LEU B 104 8.93 1.47 14.04
CA LEU B 104 8.83 1.70 12.60
C LEU B 104 10.08 2.37 12.05
N LEU B 105 10.68 3.28 12.83
CA LEU B 105 11.89 3.96 12.36
C LEU B 105 13.07 2.98 12.31
N LYS B 106 13.21 2.13 13.31
CA LYS B 106 14.29 1.14 13.29
C LYS B 106 14.11 0.15 12.15
N LEU B 107 12.86 -0.24 11.87
CA LEU B 107 12.60 -1.09 10.71
C LEU B 107 12.93 -0.36 9.41
N ALA B 108 12.65 0.94 9.35
CA ALA B 108 12.98 1.70 8.15
C ALA B 108 14.49 1.78 7.95
N LYS B 109 15.24 2.01 9.03
CA LYS B 109 16.69 2.04 8.95
C LYS B 109 17.25 0.68 8.56
N GLU B 110 16.72 -0.38 9.17
CA GLU B 110 17.23 -1.73 8.87
C GLU B 110 16.87 -2.16 7.44
N ALA B 111 15.72 -1.72 6.94
CA ALA B 111 15.33 -2.08 5.58
C ALA B 111 16.22 -1.39 4.55
N LEU B 112 16.60 -0.13 4.82
CA LEU B 112 17.42 0.60 3.86
C LEU B 112 18.87 0.13 3.88
N GLU B 113 19.39 -0.20 5.06
CA GLU B 113 20.75 -0.70 5.20
C GLU B 113 20.84 -2.22 5.01
N ALA B 114 19.74 -2.85 4.59
CA ALA B 114 19.73 -4.30 4.39
C ALA B 114 20.72 -4.70 3.30
N ASP B 115 21.02 -5.99 3.25
CA ASP B 115 21.99 -6.50 2.28
C ASP B 115 21.38 -6.57 0.88
N ASP B 116 20.32 -7.36 0.73
CA ASP B 116 19.68 -7.60 -0.57
C ASP B 116 18.31 -6.95 -0.61
N VAL B 117 17.73 -6.96 -1.82
CA VAL B 117 16.39 -6.44 -2.01
C VAL B 117 15.37 -7.31 -1.28
N ASP B 118 15.60 -8.63 -1.26
CA ASP B 118 14.66 -9.55 -0.62
C ASP B 118 14.48 -9.22 0.85
N LYS B 119 15.60 -9.03 1.58
CA LYS B 119 15.51 -8.75 3.01
C LYS B 119 14.85 -7.41 3.27
N ILE B 121 12.50 -6.14 1.52
CA ILE B 121 11.08 -6.38 1.35
C ILE B 121 10.50 -7.08 2.59
N GLU B 122 11.26 -7.99 3.19
CA GLU B 122 10.80 -8.65 4.41
C GLU B 122 10.60 -7.65 5.53
N ILE B 123 11.53 -6.70 5.69
CA ILE B 123 11.41 -5.72 6.75
C ILE B 123 10.29 -4.73 6.43
N PHE B 124 10.12 -4.37 5.15
CA PHE B 124 9.01 -3.51 4.77
C PHE B 124 7.67 -4.16 5.07
N LEU B 125 7.58 -5.49 4.93
CA LEU B 125 6.35 -6.18 5.29
C LEU B 125 6.11 -6.15 6.79
N LYS B 126 7.18 -6.15 7.59
CA LYS B 126 7.03 -5.98 9.04
C LYS B 126 6.45 -4.61 9.38
N LEU B 128 4.41 -3.03 7.40
CA LEU B 128 3.01 -3.16 7.02
C LEU B 128 2.21 -3.93 8.05
N LYS B 129 2.83 -4.92 8.70
CA LYS B 129 2.15 -5.64 9.78
C LYS B 129 1.80 -4.71 10.93
N ILE B 130 2.69 -3.77 11.24
CA ILE B 130 2.42 -2.81 12.31
C ILE B 130 1.30 -1.86 11.89
N PHE B 132 -1.26 -2.46 9.89
CA PHE B 132 -2.54 -3.15 10.04
C PHE B 132 -2.88 -3.38 11.51
N LEU B 133 -1.87 -3.55 12.36
CA LEU B 133 -2.13 -3.72 13.78
C LEU B 133 -2.68 -2.44 14.40
N ALA B 134 -2.14 -1.28 13.98
CA ALA B 134 -2.65 -0.01 14.49
C ALA B 134 -4.09 0.24 14.04
N LEU B 135 -4.44 -0.19 12.83
CA LEU B 135 -5.82 -0.04 12.36
C LEU B 135 -6.77 -0.93 13.16
N ALA B 136 -6.32 -2.12 13.54
CA ALA B 136 -7.16 -3.01 14.34
C ALA B 136 -7.30 -2.51 15.77
N LEU B 137 -6.26 -1.86 16.31
CA LEU B 137 -6.35 -1.30 17.65
C LEU B 137 -7.18 -0.03 17.70
N ASP B 138 -7.29 0.67 16.57
CA ASP B 138 -8.13 1.86 16.52
C ASP B 138 -9.60 1.44 16.61
N PRO B 139 -10.41 2.16 17.41
CA PRO B 139 -11.82 1.75 17.55
C PRO B 139 -12.59 1.78 16.26
N GLU B 140 -12.59 2.92 15.55
CA GLU B 140 -13.28 3.00 14.27
C GLU B 140 -12.61 2.12 13.22
N GLY B 141 -11.30 1.88 13.34
CA GLY B 141 -10.62 1.03 12.39
C GLY B 141 -11.05 -0.43 12.50
N LEU B 142 -11.16 -0.94 13.73
CA LEU B 142 -11.59 -2.32 13.92
C LEU B 142 -13.06 -2.50 13.55
N LYS B 143 -13.88 -1.46 13.74
CA LYS B 143 -15.28 -1.54 13.35
C LYS B 143 -15.41 -1.73 11.84
N LYS B 144 -14.66 -0.94 11.07
CA LYS B 144 -14.68 -1.11 9.62
C LYS B 144 -13.92 -2.35 9.17
N LEU B 145 -12.91 -2.76 9.94
CA LEU B 145 -12.21 -4.01 9.63
C LEU B 145 -13.13 -5.21 9.85
N LYS B 146 -13.99 -5.15 10.86
CA LYS B 146 -14.97 -6.22 11.08
C LYS B 146 -16.05 -6.21 10.02
N GLU B 147 -16.28 -5.07 9.36
CA GLU B 147 -17.23 -5.03 8.25
C GLU B 147 -16.77 -5.89 7.08
N LEU B 148 -15.46 -6.17 6.97
CA LEU B 148 -14.95 -6.97 5.87
C LEU B 148 -15.13 -8.46 6.11
N LYS B 149 -14.96 -8.90 7.35
CA LYS B 149 -15.17 -10.30 7.67
C LYS B 149 -16.63 -10.72 7.53
N LYS B 150 -17.54 -9.76 7.34
CA LYS B 150 -18.95 -10.05 7.10
C LYS B 150 -19.46 -9.52 5.77
N ASN B 151 -18.68 -8.72 5.04
CA ASN B 151 -19.03 -8.32 3.68
C ASN B 151 -18.19 -9.03 2.63
N GLY B 152 -17.24 -9.86 3.04
CA GLY B 152 -16.44 -10.60 2.08
C GLY B 152 -17.22 -11.65 1.32
N SER B 153 -18.34 -12.12 1.88
CA SER B 153 -19.09 -13.22 1.28
C SER B 153 -19.43 -12.95 -0.18
N GLU B 154 -19.78 -11.71 -0.51
CA GLU B 154 -20.06 -11.36 -1.90
C GLU B 154 -18.83 -11.52 -2.78
N GLU B 155 -17.64 -11.22 -2.24
CA GLU B 155 -16.42 -11.30 -3.02
C GLU B 155 -15.87 -12.72 -3.14
N VAL B 156 -16.20 -13.61 -2.20
CA VAL B 156 -15.73 -14.99 -2.31
C VAL B 156 -16.38 -15.68 -3.51
N ARG B 157 -17.69 -15.50 -3.68
CA ARG B 157 -18.43 -16.25 -4.69
C ARG B 157 -17.97 -15.92 -6.10
N LYS B 158 -17.52 -14.69 -6.34
CA LYS B 158 -17.02 -14.34 -7.66
C LYS B 158 -15.59 -14.82 -7.88
N LEU B 159 -14.76 -14.83 -6.84
CA LEU B 159 -13.40 -15.32 -7.00
C LEU B 159 -13.35 -16.84 -7.00
N ILE B 160 -14.29 -17.50 -6.30
CA ILE B 160 -14.43 -18.95 -6.46
C ILE B 160 -14.86 -19.28 -7.88
N GLU B 161 -15.71 -18.43 -8.47
CA GLU B 161 -16.06 -18.60 -9.88
C GLU B 161 -14.83 -18.48 -10.77
N GLU B 162 -13.95 -17.54 -10.45
CA GLU B 162 -12.69 -17.43 -11.19
C GLU B 162 -11.77 -18.61 -10.89
N VAL B 163 -11.78 -19.10 -9.65
CA VAL B 163 -10.97 -20.26 -9.28
C VAL B 163 -11.43 -21.50 -10.03
N ILE B 164 -12.75 -21.71 -10.06
CA ILE B 164 -13.30 -22.88 -10.76
C ILE B 164 -13.00 -22.79 -12.25
N LYS B 165 -13.09 -21.59 -12.83
CA LYS B 165 -12.80 -21.42 -14.24
C LYS B 165 -11.32 -21.63 -14.53
N GLN B 166 -10.44 -21.33 -13.57
CA GLN B 166 -9.01 -21.53 -13.78
C GLN B 166 -8.62 -22.99 -13.55
N LEU B 167 -9.25 -23.66 -12.58
CA LEU B 167 -9.00 -25.09 -12.40
C LEU B 167 -9.47 -25.91 -13.60
N LYS B 168 -10.34 -25.34 -14.45
CA LYS B 168 -10.73 -26.01 -15.67
C LYS B 168 -9.57 -26.09 -16.65
N GLN B 169 -8.82 -24.99 -16.80
CA GLN B 169 -7.68 -24.96 -17.71
C GLN B 169 -6.41 -25.43 -17.00
#